data_3L3D
#
_entry.id   3L3D
#
_cell.length_a   50.687
_cell.length_b   82.019
_cell.length_c   110.440
_cell.angle_alpha   90.00
_cell.angle_beta   90.00
_cell.angle_gamma   90.00
#
_symmetry.space_group_name_H-M   'P 21 21 21'
#
loop_
_entity.id
_entity.type
_entity.pdbx_description
1 polymer 'HLA class I histocompatibility antigen, B-44 alpha chain'
2 polymer Beta-2-microglobulin
3 polymer 'peptide from HLA-DPA1 protein'
4 non-polymer 'ACETATE ION'
5 non-polymer GLYCEROL
6 water water
#
loop_
_entity_poly.entity_id
_entity_poly.type
_entity_poly.pdbx_seq_one_letter_code
_entity_poly.pdbx_strand_id
1 'polypeptide(L)'
;GSHSMRYFYTAMSRPGRGEPRFITVGYVDDTLFVRFDSDATSPRKEPRAPWIEQEGPEYWDRETQISKTNTQTYRENLRT
ALRYYNQSEAGSHIIQRMYGCDVGPDGRLLRGYDQDAYDGKDYIALNEDLSSWTAADTAAQITQRKWEAARVAEQDRAYL
EGLCVESLRRYLENGKETLQRADPPKTHVTHHPISDHEVTLRCWALGFYPAEITLTWQRDGEDQTQDTELVETRPAGDRT
FQKWAAVVVPSGEEQRYTCHVQHEGLPKPLTLRWEP
;
A
2 'polypeptide(L)'
;IQRTPKIQVYSRHPAENGKSNFLNCYVSGFHPSDIEVDLLKNGERIEKVEHSDLSFSKDWSFYLLYYTEFTPTEKDEYAC
RVNHVTLSQPKIVKWDRDM
;
B
3 'polypeptide(L)' EEAGRAFSF C
#
loop_
_chem_comp.id
_chem_comp.type
_chem_comp.name
_chem_comp.formula
ACT non-polymer 'ACETATE ION' 'C2 H3 O2 -1'
GOL non-polymer GLYCEROL 'C3 H8 O3'
#
# COMPACT_ATOMS: atom_id res chain seq x y z
N GLY A 1 -13.38 -16.57 4.76
CA GLY A 1 -12.22 -15.99 5.48
C GLY A 1 -12.59 -14.63 6.07
N SER A 2 -11.60 -13.97 6.70
CA SER A 2 -11.78 -12.62 7.26
C SER A 2 -11.49 -11.54 6.22
N HIS A 3 -12.18 -10.40 6.35
CA HIS A 3 -12.06 -9.36 5.34
C HIS A 3 -12.02 -7.97 5.96
N SER A 4 -11.53 -7.00 5.18
CA SER A 4 -11.50 -5.61 5.66
C SER A 4 -11.99 -4.66 4.57
N MET A 5 -12.53 -3.51 4.96
CA MET A 5 -12.76 -2.42 4.03
C MET A 5 -12.10 -1.23 4.65
N ARG A 6 -11.31 -0.49 3.88
CA ARG A 6 -10.60 0.67 4.40
C ARG A 6 -10.70 1.78 3.39
N TYR A 7 -10.90 3.00 3.91
CA TYR A 7 -10.76 4.21 3.09
C TYR A 7 -9.57 5.00 3.59
N PHE A 8 -8.74 5.52 2.67
CA PHE A 8 -7.53 6.25 3.04
C PHE A 8 -7.63 7.63 2.42
N TYR A 9 -7.50 8.67 3.24
CA TYR A 9 -7.48 10.03 2.70
C TYR A 9 -6.07 10.55 2.79
N THR A 10 -5.65 11.29 1.76
CA THR A 10 -4.44 12.08 1.87
C THR A 10 -4.78 13.52 1.46
N ALA A 11 -4.50 14.49 2.33
CA ALA A 11 -4.78 15.93 2.07
C ALA A 11 -3.42 16.62 2.21
N MET A 12 -3.00 17.29 1.12
CA MET A 12 -1.65 17.78 0.98
CA MET A 12 -1.66 17.81 1.04
C MET A 12 -1.69 19.28 0.64
N SER A 13 -1.27 20.15 1.56
CA SER A 13 -1.22 21.60 1.25
C SER A 13 -0.02 21.92 0.38
N ARG A 14 -0.12 23.01 -0.38
CA ARG A 14 0.92 23.36 -1.33
C ARG A 14 0.86 24.86 -1.58
N PRO A 15 1.38 25.65 -0.60
CA PRO A 15 1.19 27.09 -0.66
C PRO A 15 1.81 27.60 -1.97
N GLY A 16 1.08 28.45 -2.66
CA GLY A 16 1.57 29.03 -3.93
C GLY A 16 1.13 28.20 -5.13
N ARG A 17 0.53 27.03 -4.88
CA ARG A 17 0.15 26.13 -5.97
C ARG A 17 -1.30 25.67 -5.87
N GLY A 18 -2.15 26.56 -5.38
CA GLY A 18 -3.57 26.30 -5.24
C GLY A 18 -3.96 25.71 -3.88
N GLU A 19 -5.19 25.23 -3.81
CA GLU A 19 -5.74 24.65 -2.57
C GLU A 19 -5.19 23.25 -2.37
N PRO A 20 -5.25 22.72 -1.12
CA PRO A 20 -4.66 21.40 -0.88
C PRO A 20 -5.33 20.28 -1.71
N ARG A 21 -4.49 19.40 -2.27
CA ARG A 21 -5.02 18.26 -3.02
C ARG A 21 -5.59 17.24 -2.04
N PHE A 22 -6.77 16.71 -2.33
CA PHE A 22 -7.42 15.67 -1.53
C PHE A 22 -7.64 14.43 -2.40
N ILE A 23 -7.08 13.29 -1.96
CA ILE A 23 -7.22 12.01 -2.65
C ILE A 23 -7.88 11.01 -1.70
N THR A 24 -8.93 10.34 -2.15
CA THR A 24 -9.44 9.19 -1.37
C THR A 24 -9.24 7.93 -2.22
N VAL A 25 -8.77 6.84 -1.60
CA VAL A 25 -8.83 5.52 -2.20
C VAL A 25 -9.56 4.58 -1.22
N GLY A 26 -10.33 3.62 -1.76
CA GLY A 26 -10.99 2.62 -0.92
C GLY A 26 -10.53 1.26 -1.36
N TYR A 27 -10.43 0.35 -0.38
CA TYR A 27 -9.91 -1.02 -0.58
C TYR A 27 -10.82 -2.00 0.11
N VAL A 28 -11.09 -3.14 -0.55
CA VAL A 28 -11.50 -4.31 0.20
C VAL A 28 -10.29 -5.23 0.15
N ASP A 29 -9.81 -5.64 1.33
CA ASP A 29 -8.59 -6.42 1.47
C ASP A 29 -7.48 -5.70 0.71
N ASP A 30 -6.80 -6.37 -0.23
CA ASP A 30 -5.76 -5.75 -1.03
C ASP A 30 -6.21 -5.36 -2.43
N THR A 31 -7.52 -5.09 -2.60
CA THR A 31 -8.05 -4.74 -3.90
C THR A 31 -8.61 -3.32 -3.87
N LEU A 32 -8.03 -2.42 -4.66
CA LEU A 32 -8.54 -1.08 -4.74
C LEU A 32 -9.87 -1.13 -5.52
N PHE A 33 -10.87 -0.44 -5.01
CA PHE A 33 -12.17 -0.46 -5.68
C PHE A 33 -12.74 0.90 -6.08
N VAL A 34 -12.25 1.98 -5.46
N VAL A 34 -12.32 1.96 -5.39
CA VAL A 34 -12.81 3.31 -5.70
CA VAL A 34 -12.78 3.32 -5.72
C VAL A 34 -11.77 4.38 -5.41
C VAL A 34 -11.64 4.32 -5.51
N ARG A 35 -11.70 5.42 -6.26
CA ARG A 35 -10.81 6.55 -6.03
C ARG A 35 -11.54 7.89 -6.21
N PHE A 36 -10.98 8.92 -5.59
CA PHE A 36 -11.39 10.32 -5.79
C PHE A 36 -10.12 11.17 -5.71
N ASP A 37 -9.99 12.12 -6.63
CA ASP A 37 -8.87 13.04 -6.64
C ASP A 37 -9.39 14.45 -6.96
N SER A 38 -9.17 15.41 -6.05
CA SER A 38 -9.64 16.78 -6.26
C SER A 38 -8.91 17.42 -7.45
N ASP A 39 -7.80 16.84 -7.87
CA ASP A 39 -7.09 17.42 -9.03
C ASP A 39 -7.57 16.87 -10.37
N ALA A 40 -8.51 15.93 -10.37
CA ALA A 40 -9.02 15.38 -11.62
C ALA A 40 -9.82 16.45 -12.39
N THR A 41 -9.90 16.30 -13.71
CA THR A 41 -10.60 17.28 -14.54
C THR A 41 -12.04 17.55 -14.05
N SER A 42 -12.80 16.47 -13.77
CA SER A 42 -14.13 16.58 -13.17
C SER A 42 -14.19 15.64 -11.96
N PRO A 43 -13.76 16.11 -10.78
CA PRO A 43 -13.61 15.18 -9.65
C PRO A 43 -14.90 14.41 -9.35
N ARG A 44 -14.80 13.09 -9.39
CA ARG A 44 -15.92 12.21 -9.04
C ARG A 44 -15.35 10.98 -8.35
N LYS A 45 -16.15 10.29 -7.53
CA LYS A 45 -15.79 8.93 -7.16
C LYS A 45 -15.87 8.08 -8.41
N GLU A 46 -14.82 7.30 -8.65
CA GLU A 46 -14.72 6.47 -9.83
C GLU A 46 -14.47 5.01 -9.45
N PRO A 47 -15.12 4.09 -10.19
CA PRO A 47 -14.87 2.66 -9.93
C PRO A 47 -13.45 2.24 -10.36
N ARG A 48 -12.83 1.30 -9.63
CA ARG A 48 -11.53 0.78 -9.96
C ARG A 48 -11.52 -0.75 -9.91
N ALA A 49 -12.68 -1.34 -9.66
CA ALA A 49 -12.87 -2.79 -9.66
C ALA A 49 -14.17 -3.08 -10.40
N PRO A 50 -14.23 -4.19 -11.18
CA PRO A 50 -15.43 -4.46 -11.97
C PRO A 50 -16.72 -4.69 -11.18
N TRP A 51 -16.60 -5.28 -9.99
CA TRP A 51 -17.75 -5.62 -9.16
C TRP A 51 -18.41 -4.40 -8.52
N ILE A 52 -17.73 -3.27 -8.49
CA ILE A 52 -18.35 -2.05 -7.95
C ILE A 52 -19.12 -1.29 -9.05
N GLU A 53 -18.88 -1.65 -10.31
CA GLU A 53 -19.48 -0.95 -11.46
C GLU A 53 -21.01 -1.07 -11.51
N GLN A 54 -21.55 -2.13 -10.90
CA GLN A 54 -23.00 -2.33 -10.85
C GLN A 54 -23.76 -1.42 -9.87
N GLU A 55 -23.04 -0.73 -8.96
CA GLU A 55 -23.69 0.18 -8.01
C GLU A 55 -24.36 1.26 -8.86
N GLY A 56 -25.58 1.64 -8.48
CA GLY A 56 -26.36 2.57 -9.31
C GLY A 56 -25.84 4.00 -9.36
N PRO A 57 -26.42 4.83 -10.25
CA PRO A 57 -25.98 6.23 -10.36
C PRO A 57 -26.20 7.04 -9.06
N GLU A 58 -27.18 6.67 -8.25
CA GLU A 58 -27.37 7.29 -6.95
C GLU A 58 -26.16 7.03 -6.03
N TYR A 59 -25.64 5.80 -6.02
CA TYR A 59 -24.40 5.48 -5.28
C TYR A 59 -23.27 6.44 -5.65
N TRP A 60 -23.06 6.66 -6.95
CA TRP A 60 -21.94 7.49 -7.42
C TRP A 60 -22.09 8.96 -7.06
N ASP A 61 -23.31 9.48 -7.18
CA ASP A 61 -23.56 10.86 -6.79
C ASP A 61 -23.41 11.09 -5.29
N ARG A 62 -24.00 10.20 -4.49
CA ARG A 62 -23.84 10.27 -3.05
C ARG A 62 -22.36 10.20 -2.62
N GLU A 63 -21.63 9.19 -3.13
CA GLU A 63 -20.20 9.01 -2.80
C GLU A 63 -19.36 10.20 -3.27
N THR A 64 -19.73 10.78 -4.41
CA THR A 64 -19.00 11.94 -4.92
C THR A 64 -19.23 13.13 -4.01
N GLN A 65 -20.50 13.35 -3.64
CA GLN A 65 -20.84 14.45 -2.73
C GLN A 65 -20.07 14.34 -1.41
N ILE A 66 -20.04 13.13 -0.87
CA ILE A 66 -19.29 12.86 0.37
C ILE A 66 -17.82 13.28 0.22
N SER A 67 -17.18 12.90 -0.89
CA SER A 67 -15.78 13.26 -1.10
C SER A 67 -15.57 14.76 -1.34
N LYS A 68 -16.52 15.41 -2.00
CA LYS A 68 -16.42 16.85 -2.20
C LYS A 68 -16.54 17.57 -0.86
N THR A 69 -17.49 17.14 -0.03
CA THR A 69 -17.62 17.69 1.30
C THR A 69 -16.33 17.45 2.12
N ASN A 70 -15.79 16.22 2.05
CA ASN A 70 -14.58 15.87 2.83
C ASN A 70 -13.32 16.62 2.35
N THR A 71 -13.28 16.96 1.06
CA THR A 71 -12.20 17.80 0.50
C THR A 71 -12.17 19.12 1.29
N GLN A 72 -13.35 19.72 1.42
CA GLN A 72 -13.47 20.95 2.21
C GLN A 72 -13.11 20.77 3.67
N THR A 73 -13.61 19.71 4.29
CA THR A 73 -13.33 19.43 5.70
C THR A 73 -11.83 19.26 5.99
N TYR A 74 -11.15 18.52 5.11
CA TYR A 74 -9.75 18.24 5.33
C TYR A 74 -8.86 19.45 4.98
N ARG A 75 -9.35 20.29 4.08
CA ARG A 75 -8.64 21.55 3.82
C ARG A 75 -8.73 22.44 5.08
N GLU A 76 -9.93 22.50 5.66
CA GLU A 76 -10.14 23.21 6.92
C GLU A 76 -9.25 22.59 8.02
N ASN A 77 -9.24 21.26 8.08
CA ASN A 77 -8.36 20.55 9.02
C ASN A 77 -6.89 20.93 8.87
N LEU A 78 -6.44 21.14 7.63
CA LEU A 78 -5.05 21.60 7.44
C LEU A 78 -4.80 22.99 8.06
N ARG A 79 -5.75 23.90 7.87
CA ARG A 79 -5.60 25.27 8.40
C ARG A 79 -5.57 25.19 9.94
N THR A 80 -6.42 24.35 10.47
CA THR A 80 -6.54 24.16 11.92
C THR A 80 -5.23 23.62 12.52
N ALA A 81 -4.66 22.59 11.89
CA ALA A 81 -3.39 22.02 12.38
C ALA A 81 -2.26 23.06 12.41
N LEU A 82 -2.19 23.91 11.38
CA LEU A 82 -1.26 25.05 11.40
C LEU A 82 -1.38 25.86 12.69
N ARG A 83 -2.62 26.18 13.08
CA ARG A 83 -2.85 26.93 14.32
C ARG A 83 -2.42 26.15 15.54
N TYR A 84 -2.88 24.91 15.64
CA TYR A 84 -2.58 24.11 16.83
C TYR A 84 -1.10 23.85 17.04
N TYR A 85 -0.34 23.81 15.95
CA TYR A 85 1.11 23.61 16.05
C TYR A 85 1.94 24.90 15.90
N ASN A 86 1.28 26.04 15.88
CA ASN A 86 1.98 27.34 15.75
C ASN A 86 2.89 27.43 14.51
N GLN A 87 2.39 26.95 13.39
CA GLN A 87 3.22 26.87 12.20
C GLN A 87 2.89 27.97 11.19
N SER A 88 3.86 28.32 10.36
CA SER A 88 3.63 29.34 9.36
C SER A 88 2.82 28.81 8.19
N GLU A 89 2.24 29.73 7.43
CA GLU A 89 1.42 29.41 6.26
C GLU A 89 2.26 29.08 4.98
N ALA A 90 3.59 29.11 5.10
CA ALA A 90 4.50 28.91 3.95
C ALA A 90 4.85 27.46 3.59
N GLY A 91 4.77 26.55 4.56
CA GLY A 91 5.25 25.20 4.34
C GLY A 91 4.12 24.29 3.92
N SER A 92 4.48 23.24 3.18
CA SER A 92 3.57 22.15 2.82
C SER A 92 3.42 21.09 3.94
N HIS A 93 2.18 20.69 4.19
CA HIS A 93 1.83 19.72 5.25
C HIS A 93 0.84 18.67 4.75
N ILE A 94 0.74 17.55 5.46
CA ILE A 94 -0.11 16.44 5.03
C ILE A 94 -0.92 15.98 6.22
N ILE A 95 -2.23 15.83 6.00
CA ILE A 95 -3.06 15.06 6.93
C ILE A 95 -3.49 13.80 6.20
N GLN A 96 -3.44 12.68 6.92
CA GLN A 96 -3.96 11.41 6.39
C GLN A 96 -5.04 10.83 7.27
N ARG A 97 -6.01 10.14 6.68
CA ARG A 97 -7.04 9.46 7.49
C ARG A 97 -7.10 8.03 7.03
N MET A 98 -7.22 7.08 7.98
CA MET A 98 -7.66 5.73 7.62
C MET A 98 -8.84 5.40 8.51
N TYR A 99 -9.94 4.94 7.90
CA TYR A 99 -11.08 4.44 8.68
C TYR A 99 -11.69 3.25 7.96
N GLY A 100 -12.44 2.41 8.67
CA GLY A 100 -13.01 1.22 8.05
C GLY A 100 -13.25 0.10 9.05
N CYS A 101 -13.52 -1.08 8.52
CA CYS A 101 -13.93 -2.19 9.39
C CYS A 101 -13.35 -3.51 8.96
N ASP A 102 -13.09 -4.36 9.96
CA ASP A 102 -12.69 -5.76 9.74
C ASP A 102 -13.89 -6.63 10.13
N VAL A 103 -14.14 -7.69 9.36
CA VAL A 103 -15.22 -8.65 9.67
C VAL A 103 -14.66 -10.08 9.69
N GLY A 104 -15.30 -10.97 10.45
CA GLY A 104 -14.88 -12.37 10.46
C GLY A 104 -15.57 -13.14 9.37
N PRO A 105 -15.32 -14.47 9.31
CA PRO A 105 -15.94 -15.32 8.28
C PRO A 105 -17.47 -15.25 8.18
N ASP A 106 -18.13 -15.08 9.32
CA ASP A 106 -19.59 -14.88 9.38
C ASP A 106 -20.06 -13.46 9.00
N GLY A 107 -19.11 -12.55 8.76
CA GLY A 107 -19.43 -11.22 8.32
C GLY A 107 -19.77 -10.24 9.44
N ARG A 108 -19.63 -10.66 10.69
CA ARG A 108 -19.83 -9.76 11.83
C ARG A 108 -18.59 -8.89 12.08
N LEU A 109 -18.81 -7.69 12.60
CA LEU A 109 -17.74 -6.74 12.88
C LEU A 109 -16.72 -7.33 13.83
N LEU A 110 -15.45 -7.36 13.44
CA LEU A 110 -14.38 -7.79 14.35
C LEU A 110 -13.75 -6.58 15.02
N ARG A 111 -13.63 -5.47 14.29
CA ARG A 111 -12.86 -4.30 14.76
C ARG A 111 -13.16 -3.12 13.82
N GLY A 112 -13.35 -1.91 14.37
CA GLY A 112 -13.51 -0.69 13.55
C GLY A 112 -12.30 0.23 13.80
N TYR A 113 -12.08 1.17 12.89
CA TYR A 113 -10.94 2.10 12.94
C TYR A 113 -11.41 3.47 12.44
N ASP A 114 -10.83 4.51 13.01
CA ASP A 114 -10.89 5.86 12.43
C ASP A 114 -9.72 6.62 13.05
N GLN A 115 -8.67 6.85 12.26
CA GLN A 115 -7.48 7.50 12.82
C GLN A 115 -6.87 8.46 11.81
N ASP A 116 -6.07 9.40 12.32
CA ASP A 116 -5.45 10.40 11.47
C ASP A 116 -4.00 10.64 11.88
N ALA A 117 -3.21 11.11 10.90
CA ALA A 117 -1.86 11.49 11.09
C ALA A 117 -1.66 12.92 10.55
N TYR A 118 -0.64 13.58 11.08
CA TYR A 118 -0.26 14.91 10.63
C TYR A 118 1.23 14.88 10.36
N ASP A 119 1.60 15.23 9.14
CA ASP A 119 3.01 15.13 8.71
C ASP A 119 3.66 13.76 9.02
N GLY A 120 2.88 12.71 8.83
CA GLY A 120 3.36 11.35 8.99
C GLY A 120 3.45 10.83 10.42
N LYS A 121 2.96 11.60 11.39
CA LYS A 121 2.99 11.19 12.80
C LYS A 121 1.58 10.99 13.27
N ASP A 122 1.38 10.02 14.17
CA ASP A 122 0.08 9.82 14.77
C ASP A 122 -0.49 11.15 15.30
N TYR A 123 -1.77 11.38 15.04
CA TYR A 123 -2.46 12.58 15.53
C TYR A 123 -3.56 12.16 16.53
N ILE A 124 -4.56 11.43 16.03
CA ILE A 124 -5.65 10.98 16.91
C ILE A 124 -6.17 9.65 16.36
N ALA A 125 -6.73 8.81 17.24
CA ALA A 125 -7.15 7.49 16.82
C ALA A 125 -8.36 7.11 17.68
N LEU A 126 -9.44 6.67 17.01
CA LEU A 126 -10.54 6.02 17.72
C LEU A 126 -10.03 4.70 18.35
N ASN A 127 -10.28 4.54 19.65
CA ASN A 127 -9.88 3.32 20.35
C ASN A 127 -10.78 2.15 19.93
N GLU A 128 -10.31 0.94 20.18
CA GLU A 128 -11.02 -0.27 19.77
C GLU A 128 -12.46 -0.33 20.31
N ASP A 129 -12.68 0.30 21.46
CA ASP A 129 -14.03 0.38 22.03
C ASP A 129 -15.06 1.15 21.21
N LEU A 130 -14.60 1.86 20.16
CA LEU A 130 -15.45 2.73 19.34
C LEU A 130 -16.23 3.77 20.19
N SER A 131 -15.67 4.15 21.34
N SER A 131 -15.66 4.15 21.34
CA SER A 131 -16.34 5.13 22.21
CA SER A 131 -16.32 5.10 22.25
C SER A 131 -15.39 6.22 22.77
C SER A 131 -15.39 6.16 22.85
N SER A 132 -14.09 6.00 22.67
CA SER A 132 -13.09 6.90 23.25
C SER A 132 -11.93 7.11 22.30
N TRP A 133 -11.11 8.14 22.57
CA TRP A 133 -10.04 8.54 21.64
C TRP A 133 -8.69 8.49 22.31
N THR A 134 -7.66 8.26 21.51
CA THR A 134 -6.28 8.47 21.91
C THR A 134 -5.70 9.63 21.08
N ALA A 135 -5.34 10.72 21.78
CA ALA A 135 -4.66 11.88 21.20
C ALA A 135 -3.16 11.80 21.41
N ALA A 136 -2.39 12.10 20.37
CA ALA A 136 -0.95 11.90 20.43
C ALA A 136 -0.23 13.01 21.19
N ASP A 137 -0.85 14.17 21.29
CA ASP A 137 -0.18 15.36 21.85
C ASP A 137 -1.23 16.39 22.25
N THR A 138 -0.77 17.53 22.76
CA THR A 138 -1.73 18.51 23.25
C THR A 138 -2.54 19.22 22.16
N ALA A 139 -2.04 19.20 20.92
CA ALA A 139 -2.82 19.73 19.80
C ALA A 139 -4.00 18.80 19.49
N ALA A 140 -3.72 17.52 19.33
CA ALA A 140 -4.78 16.52 19.07
C ALA A 140 -5.79 16.45 20.23
N GLN A 141 -5.32 16.73 21.44
CA GLN A 141 -6.25 16.80 22.59
C GLN A 141 -7.35 17.83 22.36
N ILE A 142 -7.06 18.92 21.62
CA ILE A 142 -8.08 19.93 21.38
C ILE A 142 -9.14 19.35 20.45
N THR A 143 -8.71 18.63 19.42
CA THR A 143 -9.63 17.88 18.56
C THR A 143 -10.43 16.83 19.35
N GLN A 144 -9.75 16.07 20.21
CA GLN A 144 -10.43 15.10 21.09
C GLN A 144 -11.58 15.75 21.88
N ARG A 145 -11.31 16.89 22.51
CA ARG A 145 -12.36 17.55 23.29
C ARG A 145 -13.51 17.98 22.43
N LYS A 146 -13.21 18.43 21.20
CA LYS A 146 -14.23 18.88 20.29
C LYS A 146 -15.08 17.67 19.83
N TRP A 147 -14.41 16.54 19.56
CA TRP A 147 -15.08 15.30 19.14
C TRP A 147 -15.88 14.65 20.28
N GLU A 148 -15.39 14.79 21.50
CA GLU A 148 -16.15 14.31 22.66
C GLU A 148 -17.38 15.16 22.82
N ALA A 149 -17.24 16.49 22.74
CA ALA A 149 -18.39 17.37 22.87
C ALA A 149 -19.45 17.05 21.80
N ALA A 150 -19.01 16.71 20.58
CA ALA A 150 -19.93 16.50 19.47
C ALA A 150 -20.32 15.02 19.33
N ARG A 151 -19.90 14.19 20.28
CA ARG A 151 -20.22 12.76 20.24
C ARG A 151 -19.87 12.13 18.85
N VAL A 152 -18.68 12.45 18.35
CA VAL A 152 -18.21 11.88 17.10
C VAL A 152 -18.03 10.37 17.21
N ALA A 153 -17.53 9.89 18.34
CA ALA A 153 -17.29 8.45 18.45
C ALA A 153 -18.60 7.67 18.28
N GLU A 154 -19.69 8.17 18.87
CA GLU A 154 -20.99 7.51 18.66
C GLU A 154 -21.40 7.46 17.18
N GLN A 155 -21.10 8.51 16.45
CA GLN A 155 -21.40 8.54 15.03
C GLN A 155 -20.52 7.53 14.29
N ASP A 156 -19.23 7.47 14.65
CA ASP A 156 -18.35 6.47 14.05
C ASP A 156 -18.84 5.06 14.33
N ARG A 157 -19.19 4.79 15.58
CA ARG A 157 -19.63 3.45 15.96
C ARG A 157 -20.83 3.00 15.15
N ALA A 158 -21.79 3.90 14.94
CA ALA A 158 -23.02 3.57 14.20
C ALA A 158 -22.69 3.22 12.76
N TYR A 159 -21.79 3.99 12.15
CA TYR A 159 -21.28 3.70 10.81
C TYR A 159 -20.55 2.38 10.76
N LEU A 160 -19.60 2.20 11.69
CA LEU A 160 -18.72 1.02 11.64
C LEU A 160 -19.46 -0.28 11.89
N GLU A 161 -20.51 -0.23 12.73
CA GLU A 161 -21.34 -1.40 13.04
C GLU A 161 -22.44 -1.63 12.00
N GLY A 162 -22.75 -0.61 11.23
CA GLY A 162 -23.91 -0.61 10.30
C GLY A 162 -23.46 -0.62 8.85
N LEU A 163 -23.46 0.55 8.24
CA LEU A 163 -23.10 0.68 6.83
C LEU A 163 -21.76 0.07 6.46
N CYS A 164 -20.75 0.20 7.32
CA CYS A 164 -19.45 -0.31 6.98
C CYS A 164 -19.53 -1.86 6.75
N VAL A 165 -20.05 -2.60 7.72
CA VAL A 165 -20.15 -4.04 7.56
C VAL A 165 -21.15 -4.44 6.49
N GLU A 166 -22.25 -3.69 6.37
CA GLU A 166 -23.32 -4.04 5.42
C GLU A 166 -22.82 -3.87 3.98
N SER A 167 -22.10 -2.77 3.73
CA SER A 167 -21.63 -2.51 2.36
C SER A 167 -20.51 -3.48 2.03
N LEU A 168 -19.62 -3.76 3.00
CA LEU A 168 -18.56 -4.73 2.79
C LEU A 168 -19.10 -6.15 2.48
N ARG A 169 -20.13 -6.57 3.21
CA ARG A 169 -20.88 -7.79 2.92
C ARG A 169 -21.38 -7.87 1.46
N ARG A 170 -22.04 -6.82 1.00
CA ARG A 170 -22.50 -6.73 -0.42
C ARG A 170 -21.34 -6.78 -1.42
N TYR A 171 -20.26 -6.03 -1.14
CA TYR A 171 -19.07 -6.09 -2.00
C TYR A 171 -18.46 -7.51 -2.09
N LEU A 172 -18.36 -8.20 -0.94
CA LEU A 172 -17.78 -9.53 -0.92
C LEU A 172 -18.58 -10.50 -1.78
N GLU A 173 -19.90 -10.38 -1.75
CA GLU A 173 -20.78 -11.22 -2.57
C GLU A 173 -20.69 -10.84 -4.06
N ASN A 174 -20.84 -9.56 -4.37
CA ASN A 174 -20.68 -9.07 -5.73
C ASN A 174 -19.32 -9.40 -6.37
N GLY A 175 -18.25 -9.34 -5.57
CA GLY A 175 -16.90 -9.65 -6.03
C GLY A 175 -16.34 -11.02 -5.60
N LYS A 176 -17.24 -11.98 -5.34
CA LYS A 176 -16.83 -13.26 -4.74
C LYS A 176 -15.85 -14.04 -5.60
N GLU A 177 -15.99 -13.89 -6.92
CA GLU A 177 -15.09 -14.55 -7.85
C GLU A 177 -13.62 -14.18 -7.54
N THR A 178 -13.37 -12.91 -7.20
CA THR A 178 -12.02 -12.45 -6.91
C THR A 178 -11.69 -12.16 -5.43
N LEU A 179 -12.55 -11.40 -4.75
CA LEU A 179 -12.35 -11.06 -3.33
C LEU A 179 -12.28 -12.28 -2.45
N GLN A 180 -13.01 -13.32 -2.81
CA GLN A 180 -13.02 -14.55 -2.01
C GLN A 180 -12.23 -15.69 -2.67
N ARG A 181 -11.30 -15.31 -3.54
CA ARG A 181 -10.38 -16.29 -4.09
C ARG A 181 -8.96 -15.96 -3.65
N ALA A 182 -8.29 -16.91 -3.04
CA ALA A 182 -6.88 -16.74 -2.68
C ALA A 182 -6.05 -17.42 -3.78
N ASP A 183 -5.03 -16.73 -4.32
CA ASP A 183 -4.12 -17.34 -5.29
C ASP A 183 -2.81 -17.66 -4.54
N PRO A 184 -2.43 -18.96 -4.49
CA PRO A 184 -1.23 -19.37 -3.75
C PRO A 184 0.04 -18.87 -4.48
N PRO A 185 1.18 -18.71 -3.77
CA PRO A 185 2.37 -18.25 -4.45
C PRO A 185 2.94 -19.37 -5.31
N LYS A 186 3.46 -19.00 -6.46
CA LYS A 186 4.31 -19.86 -7.26
C LYS A 186 5.73 -19.69 -6.72
N THR A 187 6.36 -20.80 -6.34
CA THR A 187 7.65 -20.72 -5.62
C THR A 187 8.78 -21.42 -6.35
N HIS A 188 9.99 -20.91 -6.14
CA HIS A 188 11.21 -21.53 -6.66
C HIS A 188 12.42 -20.93 -5.94
N VAL A 189 13.48 -21.73 -5.87
CA VAL A 189 14.75 -21.28 -5.31
C VAL A 189 15.77 -21.18 -6.44
N THR A 190 16.45 -20.04 -6.52
CA THR A 190 17.54 -19.84 -7.46
C THR A 190 18.88 -19.85 -6.74
N HIS A 191 19.92 -20.17 -7.50
CA HIS A 191 21.27 -20.41 -7.00
C HIS A 191 22.21 -19.57 -7.91
N HIS A 192 23.03 -18.74 -7.28
CA HIS A 192 24.00 -17.89 -8.00
C HIS A 192 25.28 -17.72 -7.14
N PRO A 193 26.41 -18.29 -7.59
CA PRO A 193 27.69 -18.05 -6.92
C PRO A 193 28.03 -16.56 -6.87
N ILE A 194 28.46 -16.10 -5.71
CA ILE A 194 28.93 -14.74 -5.50
C ILE A 194 30.44 -14.75 -5.77
N SER A 195 31.09 -15.81 -5.28
CA SER A 195 32.53 -15.96 -5.37
C SER A 195 32.80 -17.46 -5.29
N ASP A 196 34.06 -17.86 -5.19
CA ASP A 196 34.42 -19.28 -5.19
C ASP A 196 33.66 -20.09 -4.13
N HIS A 197 33.46 -19.48 -2.96
CA HIS A 197 32.94 -20.23 -1.84
C HIS A 197 31.71 -19.61 -1.15
N GLU A 198 31.06 -18.67 -1.84
CA GLU A 198 29.77 -18.13 -1.41
C GLU A 198 28.74 -18.20 -2.55
N VAL A 199 27.53 -18.62 -2.20
N VAL A 199 27.54 -18.64 -2.19
CA VAL A 199 26.41 -18.68 -3.13
CA VAL A 199 26.43 -18.67 -3.12
C VAL A 199 25.16 -18.06 -2.51
C VAL A 199 25.20 -17.98 -2.48
N THR A 200 24.41 -17.32 -3.32
CA THR A 200 23.17 -16.71 -2.87
C THR A 200 22.09 -17.70 -3.22
N LEU A 201 21.30 -18.10 -2.22
CA LEU A 201 20.07 -18.83 -2.48
C LEU A 201 18.94 -17.81 -2.33
N ARG A 202 18.07 -17.73 -3.32
CA ARG A 202 16.96 -16.77 -3.26
C ARG A 202 15.67 -17.53 -3.39
N CYS A 203 14.84 -17.41 -2.35
CA CYS A 203 13.54 -18.06 -2.35
C CYS A 203 12.48 -17.10 -2.88
N TRP A 204 11.82 -17.47 -3.97
CA TRP A 204 10.86 -16.61 -4.66
C TRP A 204 9.41 -17.00 -4.41
N ALA A 205 8.56 -16.01 -4.16
CA ALA A 205 7.11 -16.21 -4.17
C ALA A 205 6.49 -15.22 -5.15
N LEU A 206 5.74 -15.75 -6.12
CA LEU A 206 5.18 -14.94 -7.20
C LEU A 206 3.70 -15.26 -7.40
N GLY A 207 2.95 -14.28 -7.87
CA GLY A 207 1.55 -14.54 -8.30
C GLY A 207 0.53 -14.78 -7.22
N PHE A 208 0.80 -14.31 -6.01
CA PHE A 208 -0.11 -14.58 -4.89
C PHE A 208 -1.03 -13.42 -4.54
N TYR A 209 -2.17 -13.80 -3.95
CA TYR A 209 -3.21 -12.88 -3.47
C TYR A 209 -3.95 -13.60 -2.36
N PRO A 210 -4.15 -12.94 -1.20
CA PRO A 210 -3.79 -11.56 -0.85
C PRO A 210 -2.29 -11.39 -0.61
N ALA A 211 -1.88 -10.18 -0.24
CA ALA A 211 -0.45 -9.81 -0.09
C ALA A 211 0.25 -10.50 1.09
N GLU A 212 -0.48 -10.75 2.18
CA GLU A 212 0.10 -11.31 3.40
C GLU A 212 0.79 -12.64 3.11
N ILE A 213 2.04 -12.77 3.52
CA ILE A 213 2.79 -13.99 3.25
C ILE A 213 3.91 -14.09 4.27
N THR A 214 4.40 -15.30 4.53
CA THR A 214 5.61 -15.44 5.34
C THR A 214 6.63 -16.27 4.59
N LEU A 215 7.85 -15.75 4.47
CA LEU A 215 8.97 -16.43 3.80
C LEU A 215 10.18 -16.42 4.71
N THR A 216 10.69 -17.59 5.03
CA THR A 216 11.77 -17.67 5.99
C THR A 216 12.76 -18.69 5.47
N TRP A 217 14.06 -18.44 5.75
CA TRP A 217 15.09 -19.43 5.57
C TRP A 217 15.49 -20.01 6.92
N GLN A 218 15.67 -21.33 6.94
CA GLN A 218 16.29 -22.03 8.04
C GLN A 218 17.58 -22.70 7.58
N ARG A 219 18.52 -22.84 8.53
CA ARG A 219 19.76 -23.58 8.35
CA ARG A 219 19.76 -23.59 8.35
C ARG A 219 19.76 -24.68 9.41
N ASP A 220 19.82 -25.93 8.98
CA ASP A 220 19.65 -27.09 9.88
C ASP A 220 18.45 -26.89 10.81
N GLY A 221 17.36 -26.39 10.24
CA GLY A 221 16.08 -26.27 10.94
C GLY A 221 15.96 -25.08 11.89
N GLU A 222 16.95 -24.20 11.89
CA GLU A 222 16.89 -22.97 12.68
C GLU A 222 16.82 -21.69 11.85
N ASP A 223 16.01 -20.75 12.34
CA ASP A 223 15.72 -19.51 11.64
C ASP A 223 16.94 -18.63 11.48
N GLN A 224 17.02 -17.96 10.33
CA GLN A 224 18.17 -17.16 9.95
C GLN A 224 17.77 -15.70 9.72
N THR A 225 16.88 -15.21 10.58
CA THR A 225 16.38 -13.84 10.48
C THR A 225 17.48 -12.81 10.19
N GLN A 226 18.52 -12.82 11.02
CA GLN A 226 19.61 -11.88 10.85
C GLN A 226 20.34 -12.03 9.52
N ASP A 227 20.49 -13.25 9.02
CA ASP A 227 21.27 -13.42 7.79
C ASP A 227 20.43 -13.39 6.51
N THR A 228 19.11 -13.40 6.65
CA THR A 228 18.20 -13.33 5.51
C THR A 228 17.96 -11.89 5.02
N GLU A 229 18.13 -11.65 3.71
CA GLU A 229 17.68 -10.39 3.12
C GLU A 229 16.25 -10.54 2.59
N LEU A 230 15.34 -9.74 3.11
CA LEU A 230 13.93 -9.92 2.84
C LEU A 230 13.36 -8.65 2.22
N VAL A 231 12.95 -8.71 0.96
CA VAL A 231 12.39 -7.53 0.31
C VAL A 231 10.95 -7.30 0.73
N GLU A 232 10.51 -6.05 0.70
CA GLU A 232 9.10 -5.76 0.92
C GLU A 232 8.21 -6.43 -0.16
N THR A 233 7.09 -7.00 0.28
CA THR A 233 6.09 -7.54 -0.63
C THR A 233 5.67 -6.43 -1.59
N ARG A 234 5.67 -6.75 -2.89
CA ARG A 234 5.51 -5.75 -3.95
C ARG A 234 4.41 -6.21 -4.95
N PRO A 235 3.62 -5.25 -5.50
CA PRO A 235 2.52 -5.53 -6.42
C PRO A 235 3.04 -5.82 -7.82
N ALA A 236 2.51 -6.85 -8.46
CA ALA A 236 2.93 -7.20 -9.79
C ALA A 236 2.26 -6.32 -10.85
N GLY A 237 1.11 -5.74 -10.49
CA GLY A 237 0.22 -5.03 -11.41
C GLY A 237 -0.95 -5.77 -12.04
N ASP A 238 -1.09 -7.07 -11.79
CA ASP A 238 -2.23 -7.91 -12.30
C ASP A 238 -3.11 -8.41 -11.13
N ARG A 239 -3.09 -7.61 -10.05
CA ARG A 239 -3.75 -7.90 -8.74
C ARG A 239 -2.86 -8.69 -7.77
N THR A 240 -1.84 -9.35 -8.28
CA THR A 240 -1.05 -10.25 -7.44
C THR A 240 0.20 -9.56 -6.87
N PHE A 241 0.85 -10.25 -5.94
CA PHE A 241 2.04 -9.76 -5.25
C PHE A 241 3.23 -10.70 -5.41
N GLN A 242 4.42 -10.16 -5.08
CA GLN A 242 5.70 -10.84 -5.18
C GLN A 242 6.52 -10.59 -3.94
N LYS A 243 7.34 -11.56 -3.57
CA LYS A 243 8.31 -11.41 -2.51
C LYS A 243 9.47 -12.38 -2.70
N TRP A 244 10.63 -11.98 -2.26
CA TRP A 244 11.71 -12.94 -2.13
C TRP A 244 12.52 -12.77 -0.84
N ALA A 245 13.21 -13.86 -0.45
CA ALA A 245 14.09 -13.89 0.72
C ALA A 245 15.39 -14.56 0.27
N ALA A 246 16.52 -13.98 0.64
CA ALA A 246 17.81 -14.49 0.16
C ALA A 246 18.74 -14.70 1.32
N VAL A 247 19.58 -15.73 1.17
CA VAL A 247 20.60 -16.01 2.15
C VAL A 247 21.91 -16.32 1.41
N VAL A 248 23.03 -15.86 1.97
CA VAL A 248 24.36 -16.16 1.43
C VAL A 248 24.91 -17.36 2.19
N VAL A 249 25.29 -18.39 1.45
CA VAL A 249 25.64 -19.65 2.08
C VAL A 249 27.02 -20.11 1.59
N PRO A 250 27.73 -20.85 2.44
CA PRO A 250 29.01 -21.42 2.00
C PRO A 250 28.78 -22.44 0.90
N SER A 251 29.65 -22.43 -0.12
CA SER A 251 29.55 -23.37 -1.20
C SER A 251 29.66 -24.76 -0.59
N GLY A 252 28.94 -25.71 -1.16
CA GLY A 252 28.86 -27.06 -0.61
C GLY A 252 27.79 -27.25 0.46
N GLU A 253 27.32 -26.18 1.09
CA GLU A 253 26.35 -26.29 2.18
C GLU A 253 24.87 -26.00 1.80
N GLU A 254 24.58 -25.91 0.50
CA GLU A 254 23.22 -25.55 0.04
C GLU A 254 22.09 -26.40 0.66
N GLN A 255 22.35 -27.68 0.87
CA GLN A 255 21.30 -28.59 1.32
C GLN A 255 20.97 -28.46 2.81
N ARG A 256 21.78 -27.70 3.54
CA ARG A 256 21.45 -27.37 4.93
C ARG A 256 20.34 -26.31 5.04
N TYR A 257 19.99 -25.72 3.91
CA TYR A 257 19.06 -24.60 3.90
C TYR A 257 17.71 -24.99 3.31
N THR A 258 16.66 -24.58 4.01
CA THR A 258 15.29 -24.79 3.56
C THR A 258 14.53 -23.46 3.60
N CYS A 259 13.79 -23.20 2.54
CA CYS A 259 12.88 -22.05 2.50
C CYS A 259 11.46 -22.46 2.94
N HIS A 260 10.84 -21.66 3.80
CA HIS A 260 9.51 -21.99 4.30
C HIS A 260 8.52 -20.90 3.91
N VAL A 261 7.36 -21.34 3.42
CA VAL A 261 6.36 -20.46 2.81
C VAL A 261 5.03 -20.72 3.43
N GLN A 262 4.45 -19.67 4.02
CA GLN A 262 3.07 -19.73 4.49
C GLN A 262 2.24 -18.69 3.77
N HIS A 263 1.10 -19.13 3.25
CA HIS A 263 0.15 -18.24 2.60
C HIS A 263 -1.24 -18.84 2.74
N GLU A 264 -2.25 -17.99 2.87
CA GLU A 264 -3.64 -18.42 3.00
C GLU A 264 -4.11 -19.34 1.87
N GLY A 265 -3.60 -19.12 0.66
CA GLY A 265 -3.85 -19.98 -0.49
C GLY A 265 -3.20 -21.35 -0.44
N LEU A 266 -2.31 -21.59 0.53
CA LEU A 266 -1.69 -22.91 0.68
C LEU A 266 -2.37 -23.71 1.78
N PRO A 267 -2.84 -24.92 1.47
CA PRO A 267 -3.45 -25.80 2.48
C PRO A 267 -2.50 -26.06 3.66
N LYS A 268 -1.22 -26.26 3.37
CA LYS A 268 -0.20 -26.42 4.42
C LYS A 268 1.05 -25.59 4.10
N PRO A 269 1.79 -25.16 5.14
CA PRO A 269 3.05 -24.45 4.82
C PRO A 269 3.99 -25.29 3.92
N LEU A 270 4.66 -24.65 2.97
CA LEU A 270 5.57 -25.34 2.07
C LEU A 270 7.00 -25.28 2.58
N THR A 271 7.77 -26.32 2.27
CA THR A 271 9.21 -26.37 2.50
C THR A 271 9.87 -26.64 1.15
N LEU A 272 10.80 -25.76 0.74
CA LEU A 272 11.58 -26.02 -0.47
C LEU A 272 13.06 -25.77 -0.28
N ARG A 273 13.84 -26.31 -1.20
CA ARG A 273 15.29 -26.27 -1.17
C ARG A 273 15.75 -25.95 -2.59
N TRP A 274 17.02 -25.61 -2.72
CA TRP A 274 17.66 -25.53 -4.01
C TRP A 274 17.68 -26.96 -4.61
N GLU A 275 17.11 -27.08 -5.82
CA GLU A 275 17.02 -28.36 -6.51
CA GLU A 275 17.02 -28.35 -6.52
C GLU A 275 17.92 -28.29 -7.75
N PRO A 276 19.17 -28.77 -7.61
CA PRO A 276 20.06 -28.65 -8.77
C PRO A 276 19.48 -29.42 -9.95
N ILE B 1 9.67 13.05 11.01
CA ILE B 1 9.79 14.20 10.04
C ILE B 1 9.72 13.73 8.57
N GLN B 2 10.81 13.14 8.05
CA GLN B 2 10.83 12.72 6.63
C GLN B 2 11.44 11.34 6.47
N ARG B 3 10.94 10.58 5.49
CA ARG B 3 11.36 9.21 5.26
C ARG B 3 11.68 8.99 3.80
N THR B 4 12.81 8.34 3.55
CA THR B 4 13.30 8.14 2.20
C THR B 4 12.70 6.89 1.50
N PRO B 5 12.49 6.97 0.19
CA PRO B 5 11.80 5.84 -0.43
C PRO B 5 12.67 4.60 -0.55
N LYS B 6 12.04 3.45 -0.34
CA LYS B 6 12.60 2.19 -0.75
C LYS B 6 12.22 2.08 -2.23
N ILE B 7 13.06 1.38 -3.00
CA ILE B 7 12.92 1.28 -4.44
C ILE B 7 13.15 -0.14 -4.90
N GLN B 8 12.19 -0.67 -5.66
CA GLN B 8 12.38 -1.96 -6.34
C GLN B 8 12.01 -1.85 -7.80
N VAL B 9 12.88 -2.37 -8.65
CA VAL B 9 12.65 -2.39 -10.08
C VAL B 9 12.59 -3.84 -10.50
N TYR B 10 11.54 -4.20 -11.23
CA TYR B 10 11.23 -5.63 -11.50
C TYR B 10 10.18 -5.79 -12.58
N SER B 11 10.02 -7.00 -13.10
CA SER B 11 8.99 -7.23 -14.09
C SER B 11 7.77 -7.91 -13.48
N ARG B 12 6.63 -7.73 -14.14
CA ARG B 12 5.35 -8.34 -13.73
C ARG B 12 5.38 -9.87 -13.84
N HIS B 13 5.98 -10.37 -14.94
CA HIS B 13 6.18 -11.80 -15.18
C HIS B 13 7.67 -12.07 -15.30
N PRO B 14 8.10 -13.34 -15.11
CA PRO B 14 9.48 -13.69 -15.39
C PRO B 14 9.84 -13.24 -16.81
N ALA B 15 11.04 -12.66 -16.94
CA ALA B 15 11.47 -12.04 -18.16
C ALA B 15 11.96 -13.11 -19.13
N GLU B 16 11.49 -13.01 -20.36
CA GLU B 16 11.90 -13.87 -21.44
C GLU B 16 12.19 -12.94 -22.63
N ASN B 17 13.45 -12.85 -23.04
CA ASN B 17 13.81 -12.02 -24.20
C ASN B 17 12.83 -12.15 -25.34
N GLY B 18 12.40 -11.00 -25.85
CA GLY B 18 11.50 -10.92 -26.97
C GLY B 18 10.05 -11.19 -26.63
N LYS B 19 9.75 -11.35 -25.34
CA LYS B 19 8.38 -11.55 -24.89
C LYS B 19 7.85 -10.32 -24.11
N SER B 20 6.67 -9.84 -24.52
CA SER B 20 6.03 -8.62 -23.96
C SER B 20 5.76 -8.78 -22.46
N ASN B 21 6.05 -7.75 -21.69
CA ASN B 21 6.00 -7.83 -20.23
C ASN B 21 5.57 -6.48 -19.67
N PHE B 22 5.61 -6.31 -18.35
CA PHE B 22 5.48 -4.97 -17.76
C PHE B 22 6.67 -4.71 -16.90
N LEU B 23 7.23 -3.51 -17.04
CA LEU B 23 8.35 -3.07 -16.20
C LEU B 23 7.80 -2.22 -15.07
N ASN B 24 8.12 -2.58 -13.83
CA ASN B 24 7.58 -1.96 -12.64
C ASN B 24 8.64 -1.24 -11.83
N CYS B 25 8.30 -0.09 -11.26
CA CYS B 25 9.13 0.47 -10.21
C CYS B 25 8.19 0.80 -9.07
N TYR B 26 8.42 0.14 -7.95
CA TYR B 26 7.60 0.28 -6.77
C TYR B 26 8.38 1.11 -5.77
N VAL B 27 7.85 2.27 -5.41
CA VAL B 27 8.48 3.10 -4.39
C VAL B 27 7.58 3.03 -3.16
N SER B 28 8.19 2.94 -1.98
CA SER B 28 7.42 2.76 -0.76
C SER B 28 8.13 3.29 0.49
N GLY B 29 7.41 3.36 1.61
CA GLY B 29 8.06 3.77 2.87
C GLY B 29 8.49 5.21 2.94
N PHE B 30 7.95 6.06 2.06
CA PHE B 30 8.38 7.43 1.99
C PHE B 30 7.36 8.43 2.53
N HIS B 31 7.89 9.57 2.97
CA HIS B 31 7.11 10.69 3.47
C HIS B 31 7.96 11.95 3.36
N PRO B 32 7.42 13.06 2.79
CA PRO B 32 6.09 13.33 2.31
C PRO B 32 5.83 12.66 0.97
N SER B 33 4.65 12.88 0.40
CA SER B 33 4.18 12.09 -0.72
C SER B 33 4.73 12.49 -2.09
N ASP B 34 5.21 13.71 -2.24
CA ASP B 34 5.75 14.12 -3.54
C ASP B 34 6.99 13.30 -3.85
N ILE B 35 7.05 12.79 -5.06
CA ILE B 35 8.16 11.94 -5.45
C ILE B 35 8.21 12.01 -6.97
N GLU B 36 9.40 11.86 -7.51
CA GLU B 36 9.59 11.90 -8.95
C GLU B 36 10.19 10.57 -9.34
N VAL B 37 9.53 9.87 -10.25
CA VAL B 37 9.94 8.54 -10.66
C VAL B 37 9.94 8.44 -12.18
N ASP B 38 11.09 8.07 -12.74
CA ASP B 38 11.14 7.77 -14.17
C ASP B 38 11.57 6.33 -14.37
N LEU B 39 11.10 5.76 -15.47
CA LEU B 39 11.63 4.51 -15.97
C LEU B 39 12.53 4.81 -17.18
N LEU B 40 13.71 4.23 -17.16
CA LEU B 40 14.73 4.46 -18.19
C LEU B 40 14.97 3.22 -19.08
N LYS B 41 15.12 3.44 -20.38
CA LYS B 41 15.56 2.41 -21.30
C LYS B 41 16.90 2.90 -21.84
N ASN B 42 17.97 2.15 -21.58
CA ASN B 42 19.33 2.53 -22.01
C ASN B 42 19.61 3.98 -21.64
N GLY B 43 19.31 4.33 -20.38
CA GLY B 43 19.57 5.66 -19.84
C GLY B 43 18.56 6.76 -20.17
N GLU B 44 17.63 6.50 -21.09
CA GLU B 44 16.68 7.55 -21.51
C GLU B 44 15.28 7.35 -20.93
N ARG B 45 14.58 8.46 -20.68
CA ARG B 45 13.26 8.39 -20.07
C ARG B 45 12.22 7.76 -20.99
N ILE B 46 11.54 6.72 -20.52
CA ILE B 46 10.43 6.14 -21.24
C ILE B 46 9.22 7.09 -21.12
N GLU B 47 8.56 7.35 -22.25
CA GLU B 47 7.38 8.23 -22.25
C GLU B 47 6.13 7.51 -21.78
N LYS B 48 5.20 8.28 -21.23
CA LYS B 48 3.82 7.82 -20.91
C LYS B 48 3.75 6.67 -19.89
N VAL B 49 4.75 6.60 -19.00
CA VAL B 49 4.71 5.69 -17.85
C VAL B 49 3.46 5.99 -16.99
N GLU B 50 2.77 4.96 -16.54
CA GLU B 50 1.58 5.21 -15.69
C GLU B 50 1.90 4.93 -14.24
N HIS B 51 1.06 5.40 -13.32
CA HIS B 51 1.26 5.05 -11.92
C HIS B 51 -0.05 4.79 -11.19
N SER B 52 0.04 4.08 -10.07
CA SER B 52 -1.10 3.77 -9.23
C SER B 52 -1.57 5.00 -8.44
N ASP B 53 -2.73 4.90 -7.81
CA ASP B 53 -3.30 6.00 -7.03
C ASP B 53 -2.60 6.02 -5.67
N LEU B 54 -2.29 7.22 -5.18
CA LEU B 54 -1.58 7.41 -3.92
C LEU B 54 -2.27 6.70 -2.76
N SER B 55 -1.50 5.81 -2.11
N SER B 55 -1.55 5.79 -2.10
CA SER B 55 -1.99 4.99 -1.00
CA SER B 55 -2.08 5.21 -0.86
C SER B 55 -0.92 5.04 0.09
C SER B 55 -0.92 5.07 0.11
N PHE B 56 -1.20 4.48 1.26
CA PHE B 56 -0.23 4.43 2.32
C PHE B 56 -0.45 3.25 3.23
N SER B 57 0.63 2.91 3.91
CA SER B 57 0.70 1.73 4.77
C SER B 57 0.26 2.06 6.20
N LYS B 58 0.28 1.07 7.07
CA LYS B 58 -0.22 1.27 8.43
C LYS B 58 0.62 2.29 9.20
N ASP B 59 1.90 2.42 8.83
CA ASP B 59 2.77 3.40 9.47
C ASP B 59 2.70 4.78 8.82
N TRP B 60 1.68 4.97 7.98
CA TRP B 60 1.39 6.24 7.28
C TRP B 60 2.34 6.54 6.12
N SER B 61 3.32 5.69 5.87
CA SER B 61 4.25 5.95 4.78
C SER B 61 3.58 5.59 3.45
N PHE B 62 3.93 6.33 2.40
CA PHE B 62 3.25 6.21 1.11
C PHE B 62 3.88 5.15 0.23
N TYR B 63 3.10 4.63 -0.70
CA TYR B 63 3.65 3.79 -1.75
C TYR B 63 2.96 4.04 -3.09
N LEU B 64 3.72 3.85 -4.17
CA LEU B 64 3.24 4.04 -5.54
C LEU B 64 3.91 3.00 -6.43
N LEU B 65 3.16 2.50 -7.40
CA LEU B 65 3.72 1.69 -8.46
C LEU B 65 3.72 2.49 -9.77
N TYR B 66 4.90 2.63 -10.36
CA TYR B 66 5.01 3.13 -11.75
C TYR B 66 5.29 1.97 -12.68
N TYR B 67 4.68 1.98 -13.85
CA TYR B 67 4.74 0.81 -14.75
C TYR B 67 4.56 1.18 -16.22
N THR B 68 5.13 0.35 -17.08
CA THR B 68 4.98 0.53 -18.52
C THR B 68 5.15 -0.83 -19.21
N GLU B 69 4.47 -1.04 -20.36
CA GLU B 69 4.75 -2.21 -21.23
C GLU B 69 6.17 -2.14 -21.70
N PHE B 70 6.82 -3.29 -21.81
CA PHE B 70 8.16 -3.38 -22.36
C PHE B 70 8.41 -4.81 -22.86
N THR B 71 9.24 -4.92 -23.89
CA THR B 71 9.69 -6.24 -24.37
C THR B 71 11.19 -6.33 -24.17
N PRO B 72 11.64 -7.09 -23.15
CA PRO B 72 13.07 -7.11 -22.87
C PRO B 72 13.84 -7.84 -23.97
N THR B 73 15.11 -7.44 -24.15
CA THR B 73 16.01 -8.11 -25.07
C THR B 73 17.26 -8.40 -24.24
N GLU B 74 18.27 -9.03 -24.87
CA GLU B 74 19.54 -9.28 -24.18
C GLU B 74 20.31 -7.97 -24.00
N LYS B 75 20.14 -7.07 -24.97
CA LYS B 75 20.94 -5.85 -25.12
C LYS B 75 20.45 -4.64 -24.31
N ASP B 76 19.13 -4.50 -24.23
CA ASP B 76 18.53 -3.32 -23.60
C ASP B 76 18.67 -3.35 -22.09
N GLU B 77 19.15 -2.25 -21.52
CA GLU B 77 19.26 -2.08 -20.08
C GLU B 77 18.11 -1.18 -19.57
N TYR B 78 17.52 -1.56 -18.43
CA TYR B 78 16.45 -0.77 -17.82
C TYR B 78 16.78 -0.37 -16.39
N ALA B 79 16.20 0.75 -15.94
CA ALA B 79 16.46 1.24 -14.62
C ALA B 79 15.26 2.07 -14.16
N CYS B 80 15.25 2.39 -12.87
CA CYS B 80 14.27 3.34 -12.35
C CYS B 80 15.07 4.47 -11.74
N ARG B 81 14.63 5.71 -11.95
CA ARG B 81 15.34 6.86 -11.37
C ARG B 81 14.35 7.61 -10.47
N VAL B 82 14.76 7.85 -9.23
CA VAL B 82 13.85 8.35 -8.21
C VAL B 82 14.44 9.59 -7.55
N ASN B 83 13.65 10.66 -7.45
CA ASN B 83 14.06 11.78 -6.60
C ASN B 83 12.95 12.06 -5.59
N HIS B 84 13.36 12.59 -4.43
CA HIS B 84 12.45 12.84 -3.31
C HIS B 84 13.18 13.88 -2.47
N VAL B 85 12.47 14.60 -1.61
CA VAL B 85 13.09 15.66 -0.83
C VAL B 85 14.23 15.13 0.05
N THR B 86 14.15 13.87 0.45
CA THR B 86 15.19 13.25 1.28
C THR B 86 16.51 12.94 0.55
N LEU B 87 16.52 13.04 -0.78
CA LEU B 87 17.69 12.66 -1.57
C LEU B 87 18.37 13.90 -2.16
N SER B 88 19.70 13.97 -2.01
CA SER B 88 20.54 15.03 -2.62
C SER B 88 20.50 15.00 -4.13
N GLN B 89 20.60 13.78 -4.67
CA GLN B 89 20.74 13.52 -6.11
C GLN B 89 19.72 12.45 -6.47
N PRO B 90 19.21 12.45 -7.72
CA PRO B 90 18.32 11.34 -8.09
C PRO B 90 19.01 9.99 -7.89
N LYS B 91 18.27 8.99 -7.40
CA LYS B 91 18.83 7.68 -7.18
C LYS B 91 18.46 6.74 -8.33
N ILE B 92 19.44 5.99 -8.85
CA ILE B 92 19.17 5.13 -9.98
C ILE B 92 19.30 3.66 -9.56
N VAL B 93 18.25 2.87 -9.80
CA VAL B 93 18.29 1.46 -9.48
C VAL B 93 18.12 0.67 -10.76
N LYS B 94 19.10 -0.19 -11.07
CA LYS B 94 19.08 -0.92 -12.35
C LYS B 94 18.20 -2.15 -12.27
N TRP B 95 17.50 -2.47 -13.35
CA TRP B 95 16.75 -3.72 -13.39
C TRP B 95 17.72 -4.90 -13.58
N ASP B 96 17.59 -5.89 -12.70
CA ASP B 96 18.35 -7.12 -12.72
C ASP B 96 17.29 -8.20 -12.67
N ARG B 97 17.19 -9.01 -13.73
CA ARG B 97 16.11 -9.99 -13.83
C ARG B 97 16.02 -11.03 -12.68
N ASP B 98 17.07 -11.13 -11.86
CA ASP B 98 17.09 -12.00 -10.67
C ASP B 98 16.89 -11.21 -9.37
N MET B 99 16.19 -10.09 -9.46
CA MET B 99 15.86 -9.28 -8.27
C MET B 99 14.42 -8.76 -8.31
N GLU C 1 -19.04 1.45 1.13
CA GLU C 1 -19.64 2.81 1.22
C GLU C 1 -19.03 3.63 2.35
N GLU C 2 -18.78 4.90 2.07
CA GLU C 2 -18.23 5.81 3.05
C GLU C 2 -19.27 6.27 4.06
N ALA C 3 -18.79 6.71 5.21
CA ALA C 3 -19.62 7.41 6.19
C ALA C 3 -20.18 8.74 5.63
N GLY C 4 -21.28 9.20 6.23
CA GLY C 4 -22.00 10.38 5.76
C GLY C 4 -21.21 11.67 5.67
N ARG C 5 -20.30 11.90 6.62
CA ARG C 5 -19.42 13.05 6.56
C ARG C 5 -18.24 12.78 7.48
N ALA C 6 -17.09 13.38 7.14
CA ALA C 6 -15.93 13.40 8.02
C ALA C 6 -16.07 14.53 9.04
N PHE C 7 -15.10 14.65 9.94
CA PHE C 7 -15.22 15.58 11.08
C PHE C 7 -14.09 16.60 11.14
N SER C 8 -14.41 17.83 11.62
CA SER C 8 -13.42 18.96 11.70
C SER C 8 -12.50 18.80 12.90
N PHE C 9 -11.20 19.04 12.70
CA PHE C 9 -10.18 18.99 13.77
C PHE C 9 -10.40 20.16 14.74
C ACT D . 7.28 18.24 8.27
O ACT D . 6.79 17.81 7.20
OXT ACT D . 8.21 17.55 8.75
CH3 ACT D . 6.79 19.50 8.92
C1 GOL E . -8.51 31.58 15.05
O1 GOL E . -9.62 31.33 15.89
C2 GOL E . -9.02 32.12 13.72
O2 GOL E . -9.24 31.04 12.81
C3 GOL E . -8.07 33.15 13.12
O3 GOL E . -6.73 32.92 13.53
#